data_3LAS
#
_entry.id   3LAS
#
_cell.length_a   80.949
_cell.length_b   80.949
_cell.length_c   128.949
_cell.angle_alpha   90.00
_cell.angle_beta   90.00
_cell.angle_gamma   120.00
#
_symmetry.space_group_name_H-M   'H 3'
#
loop_
_entity.id
_entity.type
_entity.pdbx_description
1 polymer 'Putative carbonic anhydrase'
2 non-polymer 'ZINC ION'
3 non-polymer 'MAGNESIUM ION'
4 non-polymer GLYCEROL
5 non-polymer GUANIDINE
6 water water
#
_entity_poly.entity_id   1
_entity_poly.type   'polypeptide(L)'
_entity_poly.pdbx_seq_one_letter_code
;MVMSYFDNFIKANQAYVDLHGTAHLPLKPKTRVAIVTCMDSRLHVAPALGLALGDAHILRNAGGRVTDDVIRSLVISEQQ
LGTSEIVVLHHTDCGAQTFTNAEFTEQLKRDLAVDAGDQDFLPFTDIEESVREDIALLKNSPLIPEDIIISGAIYDVDTG
RVREVN
;
_entity_poly.pdbx_strand_id   A,B
#
# COMPACT_ATOMS: atom_id res chain seq x y z
N MET A 1 -1.56 6.66 29.61
CA MET A 1 -1.22 6.06 28.30
C MET A 1 0.30 6.03 28.07
N VAL A 2 0.74 5.00 27.39
CA VAL A 2 2.15 4.76 27.19
C VAL A 2 2.49 5.13 25.76
N MET A 3 3.58 5.85 25.62
CA MET A 3 4.10 6.21 24.29
C MET A 3 4.44 4.97 23.50
N SER A 4 4.48 5.12 22.17
CA SER A 4 4.73 3.96 21.27
C SER A 4 5.53 4.51 20.10
N TYR A 5 5.70 3.68 19.05
CA TYR A 5 6.53 4.15 17.96
C TYR A 5 5.86 5.29 17.19
N PHE A 6 4.51 5.41 17.21
CA PHE A 6 3.91 6.56 16.61
C PHE A 6 4.56 7.84 17.12
N ASP A 7 4.83 7.96 18.45
CA ASP A 7 5.48 9.19 18.96
C ASP A 7 6.82 9.36 18.45
N ASN A 8 7.59 8.31 18.21
CA ASN A 8 8.87 8.41 17.57
C ASN A 8 8.70 8.99 16.17
N PHE A 9 7.69 8.51 15.41
CA PHE A 9 7.51 8.98 14.03
C PHE A 9 7.15 10.45 13.99
N ILE A 10 6.29 10.87 14.95
CA ILE A 10 5.95 12.31 15.02
C ILE A 10 7.18 13.16 15.25
N LYS A 11 8.06 12.72 16.14
CA LYS A 11 9.29 13.49 16.38
C LYS A 11 10.18 13.51 15.19
N ALA A 12 10.36 12.39 14.52
CA ALA A 12 11.22 12.31 13.38
C ALA A 12 10.67 13.15 12.23
N ASN A 13 9.36 13.28 12.17
CA ASN A 13 8.76 14.06 11.08
C ASN A 13 9.18 15.51 11.10
N GLN A 14 9.54 16.07 12.28
CA GLN A 14 9.97 17.47 12.24
C GLN A 14 11.13 17.74 11.25
N ALA A 15 12.08 16.81 11.21
CA ALA A 15 13.18 16.99 10.26
C ALA A 15 12.77 16.98 8.82
N TYR A 16 11.76 16.14 8.52
CA TYR A 16 11.25 16.06 7.18
C TYR A 16 10.50 17.33 6.79
N VAL A 17 9.70 17.87 7.74
CA VAL A 17 9.00 19.13 7.49
C VAL A 17 9.99 20.23 7.13
N ASP A 18 11.11 20.27 7.88
CA ASP A 18 12.08 21.34 7.62
C ASP A 18 12.71 21.19 6.24
N LEU A 19 13.00 19.96 5.82
CA LEU A 19 13.53 19.72 4.46
C LEU A 19 12.52 19.96 3.38
N HIS A 20 11.23 19.53 3.62
CA HIS A 20 10.25 19.57 2.54
C HIS A 20 9.90 21.02 2.22
N GLY A 21 9.87 21.88 3.27
CA GLY A 21 9.32 23.26 3.12
C GLY A 21 7.89 23.23 2.59
N THR A 22 7.42 24.31 2.03
CA THR A 22 6.04 24.43 1.55
C THR A 22 6.07 24.39 0.06
N ALA A 23 5.50 23.34 -0.53
CA ALA A 23 5.60 23.13 -1.97
C ALA A 23 4.45 22.20 -2.36
N HIS A 24 3.73 22.50 -3.40
CA HIS A 24 2.56 21.72 -3.83
C HIS A 24 2.89 21.00 -5.13
N LEU A 25 2.54 19.71 -5.18
CA LEU A 25 2.62 18.92 -6.37
C LEU A 25 1.23 18.46 -6.81
N PRO A 26 1.04 18.12 -8.07
CA PRO A 26 -0.32 17.77 -8.52
C PRO A 26 -0.80 16.40 -8.00
N LEU A 27 -2.09 16.25 -7.86
CA LEU A 27 -2.67 15.00 -7.44
C LEU A 27 -2.40 13.89 -8.47
N LYS A 28 -2.40 14.19 -9.76
CA LYS A 28 -2.14 13.19 -10.79
C LYS A 28 -0.66 12.83 -10.83
N PRO A 29 -0.28 11.56 -10.61
CA PRO A 29 1.15 11.23 -10.61
C PRO A 29 1.84 11.56 -11.91
N LYS A 30 3.05 12.08 -11.85
CA LYS A 30 3.75 12.53 -13.07
C LYS A 30 4.01 11.42 -14.06
N THR A 31 4.34 10.26 -13.58
CA THR A 31 4.72 9.17 -14.50
C THR A 31 3.55 8.41 -15.04
N ARG A 32 2.34 8.64 -14.50
CA ARG A 32 1.14 7.87 -14.93
C ARG A 32 1.26 6.42 -14.60
N VAL A 33 2.05 6.06 -13.57
CA VAL A 33 2.20 4.67 -13.15
C VAL A 33 1.60 4.47 -11.77
N ALA A 34 0.97 3.32 -11.58
CA ALA A 34 0.60 2.77 -10.27
C ALA A 34 1.36 1.50 -10.04
N ILE A 35 2.00 1.38 -8.88
CA ILE A 35 2.74 0.16 -8.49
C ILE A 35 1.94 -0.60 -7.50
N VAL A 36 1.79 -1.91 -7.68
CA VAL A 36 1.11 -2.82 -6.70
C VAL A 36 2.18 -3.70 -6.10
N THR A 37 2.40 -3.61 -4.80
CA THR A 37 3.47 -4.38 -4.21
C THR A 37 3.14 -4.77 -2.76
N CYS A 38 4.07 -5.47 -2.12
CA CYS A 38 3.86 -5.91 -0.76
C CYS A 38 4.19 -4.82 0.23
N MET A 39 3.57 -4.94 1.40
CA MET A 39 3.81 -4.12 2.60
C MET A 39 5.15 -4.25 3.24
N ASP A 40 5.94 -5.25 2.79
CA ASP A 40 7.19 -5.60 3.42
CA ASP A 40 7.23 -5.63 3.40
C ASP A 40 8.04 -4.41 3.82
N SER A 41 8.45 -4.46 5.09
CA SER A 41 9.23 -3.35 5.72
C SER A 41 10.57 -3.14 5.07
N ARG A 42 11.09 -4.13 4.32
CA ARG A 42 12.44 -4.04 3.73
C ARG A 42 12.40 -3.54 2.31
N LEU A 43 11.23 -3.08 1.85
CA LEU A 43 11.08 -2.49 0.54
C LEU A 43 10.66 -1.04 0.68
N HIS A 44 11.58 -0.12 0.32
CA HIS A 44 11.22 1.29 0.23
C HIS A 44 11.14 1.60 -1.25
N VAL A 45 9.91 1.73 -1.74
CA VAL A 45 9.64 1.70 -3.18
C VAL A 45 10.28 2.87 -3.90
N ALA A 46 10.31 4.07 -3.27
CA ALA A 46 10.85 5.20 -4.00
C ALA A 46 12.30 5.05 -4.34
N PRO A 47 13.23 4.75 -3.41
CA PRO A 47 14.65 4.62 -3.86
C PRO A 47 14.83 3.37 -4.74
N ALA A 48 14.07 2.32 -4.49
CA ALA A 48 14.26 1.13 -5.34
C ALA A 48 13.96 1.34 -6.81
N LEU A 49 13.01 2.25 -7.08
CA LEU A 49 12.59 2.54 -8.44
C LEU A 49 13.03 3.88 -8.94
N GLY A 50 13.71 4.63 -8.12
CA GLY A 50 14.15 5.98 -8.54
C GLY A 50 13.04 7.02 -8.55
N LEU A 51 12.01 6.89 -7.75
CA LEU A 51 10.86 7.84 -7.77
C LEU A 51 11.20 9.11 -7.09
N ALA A 52 10.96 10.21 -7.77
CA ALA A 52 10.86 11.53 -7.11
C ALA A 52 9.50 11.68 -6.44
N LEU A 53 9.39 12.54 -5.44
CA LEU A 53 8.13 12.82 -4.88
C LEU A 53 7.12 13.24 -5.95
N GLY A 54 5.91 12.66 -5.94
CA GLY A 54 4.88 12.91 -6.92
C GLY A 54 4.92 12.03 -8.16
N ASP A 55 5.88 11.12 -8.26
CA ASP A 55 6.00 10.35 -9.51
C ASP A 55 4.98 9.28 -9.73
N ALA A 56 4.65 8.45 -8.75
CA ALA A 56 3.82 7.25 -9.03
C ALA A 56 2.95 6.93 -7.83
N HIS A 57 1.76 6.39 -8.08
CA HIS A 57 0.98 5.81 -7.01
C HIS A 57 1.60 4.49 -6.53
N ILE A 58 1.52 4.30 -5.23
CA ILE A 58 2.14 3.08 -4.59
C ILE A 58 1.08 2.43 -3.77
N LEU A 59 0.60 1.27 -4.23
CA LEU A 59 -0.41 0.43 -3.56
C LEU A 59 0.32 -0.70 -2.90
N ARG A 60 -0.02 -1.00 -1.63
CA ARG A 60 0.74 -2.07 -0.92
C ARG A 60 -0.20 -2.81 -0.03
N ASN A 61 -0.06 -4.14 -0.03
CA ASN A 61 -0.85 -5.03 0.79
C ASN A 61 -0.01 -6.25 1.14
N ALA A 62 -0.58 -7.23 1.85
CA ALA A 62 0.23 -8.43 2.17
C ALA A 62 0.39 -9.27 0.89
N GLY A 63 1.64 -9.36 0.45
CA GLY A 63 2.02 -10.15 -0.73
C GLY A 63 1.97 -9.38 -2.04
N GLY A 64 1.43 -8.15 -2.11
CA GLY A 64 1.28 -7.46 -3.39
C GLY A 64 0.21 -8.16 -4.21
N ARG A 65 -0.84 -8.72 -3.61
CA ARG A 65 -1.84 -9.52 -4.35
C ARG A 65 -2.95 -8.69 -4.90
N VAL A 66 -3.51 -9.01 -6.03
CA VAL A 66 -4.62 -8.25 -6.57
C VAL A 66 -5.87 -8.74 -5.91
N THR A 67 -6.60 -7.80 -5.32
CA THR A 67 -7.86 -7.96 -4.55
C THR A 67 -8.89 -6.97 -5.06
N ASP A 68 -10.09 -7.05 -4.54
CA ASP A 68 -11.10 -6.04 -4.84
C ASP A 68 -10.65 -4.65 -4.42
N ASP A 69 -9.94 -4.48 -3.32
CA ASP A 69 -9.46 -3.17 -2.91
C ASP A 69 -8.39 -2.67 -3.85
N VAL A 70 -7.49 -3.52 -4.34
CA VAL A 70 -6.48 -3.09 -5.31
C VAL A 70 -7.21 -2.65 -6.55
N ILE A 71 -8.20 -3.35 -7.03
CA ILE A 71 -8.92 -2.93 -8.26
C ILE A 71 -9.66 -1.63 -7.97
N ARG A 72 -10.33 -1.47 -6.81
CA ARG A 72 -10.96 -0.21 -6.50
C ARG A 72 -9.97 0.95 -6.59
N SER A 73 -8.82 0.71 -5.98
CA SER A 73 -7.81 1.74 -5.90
C SER A 73 -7.23 2.08 -7.27
N LEU A 74 -7.02 1.06 -8.10
CA LEU A 74 -6.53 1.29 -9.43
C LEU A 74 -7.55 2.01 -10.28
N VAL A 75 -8.86 1.72 -10.16
CA VAL A 75 -9.84 2.42 -10.98
C VAL A 75 -9.82 3.88 -10.54
N ILE A 76 -9.66 4.23 -9.26
CA ILE A 76 -9.51 5.64 -8.86
C ILE A 76 -8.24 6.17 -9.44
N SER A 77 -7.13 5.46 -9.32
CA SER A 77 -5.85 5.97 -9.86
C SER A 77 -5.91 6.29 -11.36
N GLU A 78 -6.57 5.41 -12.09
CA GLU A 78 -6.60 5.51 -13.55
C GLU A 78 -7.67 6.47 -14.04
N GLN A 79 -8.90 6.35 -13.53
CA GLN A 79 -10.00 7.12 -14.12
C GLN A 79 -10.13 8.42 -13.45
N GLN A 80 -9.83 8.60 -12.18
CA GLN A 80 -9.90 9.91 -11.56
CA GLN A 80 -9.85 9.92 -11.56
C GLN A 80 -8.53 10.59 -11.63
N LEU A 81 -7.43 9.87 -11.49
CA LEU A 81 -6.09 10.44 -11.32
C LEU A 81 -5.14 10.23 -12.49
N GLY A 82 -5.63 9.69 -13.61
CA GLY A 82 -4.86 9.78 -14.85
C GLY A 82 -3.83 8.74 -15.06
N THR A 83 -3.61 7.79 -14.16
CA THR A 83 -2.56 6.80 -14.45
C THR A 83 -3.01 5.86 -15.57
N SER A 84 -2.02 5.25 -16.21
CA SER A 84 -2.28 4.42 -17.36
C SER A 84 -1.30 3.35 -17.57
N GLU A 85 -0.56 2.97 -16.54
CA GLU A 85 0.39 1.88 -16.55
C GLU A 85 0.42 1.25 -15.14
N ILE A 86 0.59 -0.06 -15.07
CA ILE A 86 0.64 -0.76 -13.77
C ILE A 86 1.91 -1.57 -13.70
N VAL A 87 2.54 -1.63 -12.52
CA VAL A 87 3.65 -2.55 -12.24
C VAL A 87 3.24 -3.42 -11.10
N VAL A 88 3.23 -4.73 -11.27
CA VAL A 88 3.00 -5.68 -10.16
C VAL A 88 4.33 -6.14 -9.66
N LEU A 89 4.71 -5.81 -8.42
CA LEU A 89 6.06 -6.08 -7.92
C LEU A 89 5.94 -6.98 -6.70
N HIS A 90 6.34 -8.26 -6.80
CA HIS A 90 6.44 -9.13 -5.65
C HIS A 90 7.88 -9.17 -5.20
N HIS A 91 8.23 -9.95 -4.18
CA HIS A 91 9.60 -9.88 -3.67
C HIS A 91 9.97 -11.16 -3.03
N THR A 92 11.30 -11.36 -2.86
CA THR A 92 11.84 -12.60 -2.23
C THR A 92 11.66 -12.53 -0.75
N ASP A 93 11.62 -13.69 -0.13
CA ASP A 93 11.43 -13.83 1.29
C ASP A 93 10.13 -13.14 1.74
N CYS A 94 9.05 -13.33 1.02
CA CYS A 94 7.77 -12.72 1.35
C CYS A 94 7.03 -13.54 2.39
N GLY A 95 6.37 -12.84 3.31
CA GLY A 95 5.55 -13.46 4.32
C GLY A 95 4.49 -14.36 3.71
N ALA A 96 4.06 -14.10 2.46
CA ALA A 96 3.06 -15.00 1.82
C ALA A 96 3.57 -16.34 1.57
N GLN A 97 4.85 -16.57 1.59
CA GLN A 97 5.41 -17.92 1.33
CA GLN A 97 5.50 -17.88 1.32
C GLN A 97 5.57 -18.66 2.62
N THR A 98 5.20 -18.10 3.76
CA THR A 98 5.48 -18.73 5.07
C THR A 98 4.35 -19.41 5.74
N PHE A 99 3.19 -19.41 5.09
CA PHE A 99 1.99 -20.09 5.68
C PHE A 99 1.10 -20.61 4.60
N THR A 100 0.25 -21.56 4.99
CA THR A 100 -0.90 -21.97 4.17
C THR A 100 -2.18 -21.44 4.84
N ASN A 101 -3.24 -21.33 4.02
CA ASN A 101 -4.49 -20.96 4.62
C ASN A 101 -4.95 -21.88 5.69
N ALA A 102 -4.80 -23.17 5.48
CA ALA A 102 -5.25 -24.09 6.49
C ALA A 102 -4.51 -23.96 7.81
N GLU A 103 -3.21 -23.82 7.74
CA GLU A 103 -2.39 -23.75 8.99
C GLU A 103 -2.70 -22.38 9.66
N PHE A 104 -2.83 -21.32 8.86
CA PHE A 104 -2.96 -19.98 9.46
C PHE A 104 -4.34 -19.85 10.08
N THR A 105 -5.37 -20.44 9.45
CA THR A 105 -6.71 -20.25 9.96
C THR A 105 -6.83 -21.12 11.22
N GLU A 106 -6.10 -22.25 11.31
CA GLU A 106 -6.12 -22.97 12.60
C GLU A 106 -5.47 -22.12 13.72
N GLN A 107 -4.31 -21.45 13.40
CA GLN A 107 -3.70 -20.60 14.34
C GLN A 107 -4.60 -19.47 14.81
N LEU A 108 -5.35 -18.84 13.89
CA LEU A 108 -6.26 -17.80 14.28
C LEU A 108 -7.38 -18.33 15.20
N LYS A 109 -7.88 -19.51 14.93
CA LYS A 109 -8.93 -20.07 15.78
C LYS A 109 -8.37 -20.23 17.19
N ARG A 110 -7.17 -20.75 17.31
CA ARG A 110 -6.53 -20.97 18.67
C ARG A 110 -6.28 -19.65 19.36
N ASP A 111 -5.76 -18.68 18.64
CA ASP A 111 -5.28 -17.46 19.26
C ASP A 111 -6.31 -16.35 19.42
N LEU A 112 -7.19 -16.22 18.45
CA LEU A 112 -8.17 -15.13 18.43
C LEU A 112 -9.60 -15.63 18.63
N ALA A 113 -9.80 -16.94 18.63
CA ALA A 113 -11.19 -17.47 18.75
C ALA A 113 -12.11 -16.99 17.65
N VAL A 114 -11.55 -16.85 16.45
CA VAL A 114 -12.33 -16.49 15.29
C VAL A 114 -12.11 -17.62 14.31
N ASP A 115 -13.19 -18.01 13.66
CA ASP A 115 -13.10 -18.97 12.57
C ASP A 115 -13.03 -18.30 11.21
N ALA A 116 -11.83 -18.22 10.62
CA ALA A 116 -11.63 -17.56 9.35
C ALA A 116 -11.27 -18.65 8.32
N GLY A 117 -11.78 -19.87 8.56
CA GLY A 117 -11.48 -21.03 7.70
C GLY A 117 -11.96 -20.85 6.28
N ASP A 118 -12.94 -20.01 6.06
CA ASP A 118 -13.39 -19.79 4.67
C ASP A 118 -12.72 -18.65 3.98
N GLN A 119 -11.84 -17.93 4.65
CA GLN A 119 -11.22 -16.70 4.08
C GLN A 119 -9.89 -17.04 3.46
N ASP A 120 -9.63 -16.41 2.33
CA ASP A 120 -8.42 -16.67 1.58
C ASP A 120 -7.42 -15.56 1.94
N PHE A 121 -6.37 -15.92 2.63
CA PHE A 121 -5.30 -14.99 2.96
C PHE A 121 -4.32 -14.78 1.84
N LEU A 122 -4.50 -15.46 0.70
CA LEU A 122 -3.75 -15.21 -0.52
C LEU A 122 -2.25 -15.54 -0.43
N PRO A 123 -1.85 -16.67 0.20
CA PRO A 123 -0.45 -17.10 0.18
C PRO A 123 -0.01 -17.52 -1.21
N PHE A 124 1.29 -17.69 -1.33
CA PHE A 124 1.78 -18.29 -2.59
C PHE A 124 3.08 -19.00 -2.25
N THR A 125 3.51 -19.82 -3.22
CA THR A 125 4.79 -20.50 -3.07
C THR A 125 5.81 -20.17 -4.15
N ASP A 126 5.33 -19.91 -5.36
CA ASP A 126 6.21 -19.68 -6.52
C ASP A 126 6.05 -18.24 -6.87
N ILE A 127 7.10 -17.48 -6.64
CA ILE A 127 6.98 -16.02 -6.78
C ILE A 127 6.58 -15.62 -8.18
N GLU A 128 7.24 -16.17 -9.20
CA GLU A 128 6.94 -15.81 -10.58
C GLU A 128 5.54 -16.09 -10.89
N GLU A 129 5.04 -17.28 -10.44
CA GLU A 129 3.67 -17.58 -10.74
C GLU A 129 2.70 -16.67 -10.03
N SER A 130 3.01 -16.23 -8.81
CA SER A 130 2.16 -15.29 -8.13
C SER A 130 2.02 -13.96 -8.90
N VAL A 131 3.10 -13.53 -9.52
CA VAL A 131 3.07 -12.29 -10.33
C VAL A 131 2.19 -12.55 -11.53
N ARG A 132 2.36 -13.66 -12.23
CA ARG A 132 1.54 -13.94 -13.42
C ARG A 132 0.06 -14.07 -13.03
N GLU A 133 -0.26 -14.66 -11.89
CA GLU A 133 -1.66 -14.80 -11.48
CA GLU A 133 -1.68 -14.79 -11.44
C GLU A 133 -2.26 -13.39 -11.23
N ASP A 134 -1.50 -12.50 -10.59
CA ASP A 134 -2.05 -11.17 -10.25
C ASP A 134 -2.20 -10.34 -11.52
N ILE A 135 -1.28 -10.46 -12.47
CA ILE A 135 -1.43 -9.77 -13.80
C ILE A 135 -2.68 -10.31 -14.45
N ALA A 136 -2.92 -11.64 -14.45
CA ALA A 136 -4.17 -12.15 -15.06
C ALA A 136 -5.39 -11.65 -14.39
N LEU A 137 -5.43 -11.48 -13.07
CA LEU A 137 -6.58 -10.90 -12.47
C LEU A 137 -6.85 -9.49 -12.92
N LEU A 138 -5.83 -8.70 -13.16
CA LEU A 138 -6.02 -7.34 -13.69
C LEU A 138 -6.50 -7.35 -15.10
N LYS A 139 -5.92 -8.21 -15.94
CA LYS A 139 -6.34 -8.28 -17.35
C LYS A 139 -7.75 -8.81 -17.46
N ASN A 140 -8.24 -9.59 -16.55
CA ASN A 140 -9.62 -10.09 -16.64
C ASN A 140 -10.63 -9.17 -15.98
N SER A 141 -10.21 -8.10 -15.39
CA SER A 141 -11.18 -7.22 -14.70
C SER A 141 -11.74 -6.24 -15.76
N PRO A 142 -13.06 -6.12 -15.84
CA PRO A 142 -13.60 -5.09 -16.78
C PRO A 142 -13.36 -3.68 -16.29
N LEU A 143 -12.88 -3.48 -15.08
CA LEU A 143 -12.64 -2.16 -14.58
C LEU A 143 -11.25 -1.71 -14.97
N ILE A 144 -10.40 -2.55 -15.51
CA ILE A 144 -9.02 -2.13 -15.89
C ILE A 144 -9.00 -2.19 -17.43
N PRO A 145 -8.83 -1.06 -18.09
CA PRO A 145 -8.96 -1.04 -19.53
C PRO A 145 -7.87 -1.82 -20.22
N GLU A 146 -8.18 -2.19 -21.44
CA GLU A 146 -7.21 -2.83 -22.30
C GLU A 146 -6.04 -1.95 -22.71
N ASP A 147 -6.08 -0.59 -22.84
CA ASP A 147 -4.78 0.06 -23.42
C ASP A 147 -3.87 0.39 -22.22
N ILE A 148 -3.75 -0.55 -21.24
CA ILE A 148 -2.99 -0.27 -19.96
C ILE A 148 -1.81 -1.32 -20.04
N ILE A 149 -0.54 -0.82 -20.11
CA ILE A 149 0.62 -1.71 -20.04
C ILE A 149 0.78 -2.17 -18.57
N ILE A 150 0.87 -3.44 -18.39
CA ILE A 150 1.04 -4.10 -17.08
C ILE A 150 2.34 -4.85 -17.10
N SER A 151 3.29 -4.55 -16.23
CA SER A 151 4.56 -5.26 -16.15
C SER A 151 4.63 -5.99 -14.82
N GLY A 152 5.31 -7.09 -14.77
CA GLY A 152 5.57 -7.85 -13.55
C GLY A 152 7.02 -7.84 -13.22
N ALA A 153 7.34 -7.87 -11.93
CA ALA A 153 8.72 -7.86 -11.45
C ALA A 153 8.85 -8.44 -10.08
N ILE A 154 10.11 -8.75 -9.72
CA ILE A 154 10.47 -9.27 -8.37
C ILE A 154 11.56 -8.44 -7.80
N TYR A 155 11.38 -7.94 -6.59
CA TYR A 155 12.39 -7.24 -5.82
C TYR A 155 13.13 -8.25 -4.91
N ASP A 156 14.46 -8.22 -4.96
CA ASP A 156 15.28 -9.11 -4.07
C ASP A 156 15.58 -8.31 -2.82
N VAL A 157 15.02 -8.72 -1.69
CA VAL A 157 15.16 -7.92 -0.45
C VAL A 157 16.60 -7.91 0.03
N ASP A 158 17.44 -8.85 -0.36
CA ASP A 158 18.85 -8.85 0.09
C ASP A 158 19.74 -7.99 -0.75
N THR A 159 19.39 -7.74 -2.00
CA THR A 159 20.34 -7.01 -2.92
C THR A 159 19.77 -5.67 -3.36
N GLY A 160 18.45 -5.49 -3.27
CA GLY A 160 17.84 -4.25 -3.78
C GLY A 160 17.45 -4.37 -5.24
N ARG A 161 17.75 -5.47 -5.92
CA ARG A 161 17.52 -5.54 -7.39
C ARG A 161 16.05 -5.79 -7.72
N VAL A 162 15.54 -5.12 -8.75
CA VAL A 162 14.20 -5.38 -9.35
C VAL A 162 14.51 -6.01 -10.68
N ARG A 163 13.91 -7.16 -10.96
CA ARG A 163 14.06 -7.87 -12.22
C ARG A 163 12.68 -8.17 -12.79
N GLU A 164 12.46 -7.96 -14.07
CA GLU A 164 11.17 -8.27 -14.73
C GLU A 164 10.87 -9.79 -14.67
N VAL A 165 9.61 -10.12 -14.60
CA VAL A 165 9.05 -11.53 -14.74
C VAL A 165 8.10 -11.21 -15.99
N ASN A 166 7.00 -10.43 -15.77
CA ASN A 166 5.92 -10.14 -16.74
C ASN A 166 5.58 -8.70 -17.19
N MET B 1 14.60 5.33 -26.99
CA MET B 1 13.25 5.34 -26.31
C MET B 1 12.99 3.99 -25.72
N VAL B 2 12.26 3.96 -24.58
CA VAL B 2 11.87 2.69 -24.01
C VAL B 2 10.37 2.49 -24.12
N MET B 3 9.92 1.28 -23.94
CA MET B 3 8.55 0.90 -24.24
C MET B 3 7.54 1.34 -23.18
N SER B 4 7.99 1.46 -21.91
CA SER B 4 7.07 1.82 -20.82
C SER B 4 7.93 2.54 -19.76
N TYR B 5 7.24 3.19 -18.81
CA TYR B 5 7.95 3.81 -17.75
C TYR B 5 8.58 2.76 -16.84
N PHE B 6 8.00 1.54 -16.77
CA PHE B 6 8.64 0.46 -16.03
C PHE B 6 10.09 0.31 -16.45
N ASP B 7 10.40 0.43 -17.74
CA ASP B 7 11.79 0.33 -18.19
C ASP B 7 12.72 1.41 -17.64
N ASN B 8 12.17 2.57 -17.39
CA ASN B 8 12.96 3.60 -16.65
C ASN B 8 13.16 3.21 -15.20
N PHE B 9 12.19 2.59 -14.55
CA PHE B 9 12.40 2.13 -13.17
C PHE B 9 13.47 1.07 -13.14
N ILE B 10 13.53 0.16 -14.13
CA ILE B 10 14.58 -0.85 -14.12
C ILE B 10 15.97 -0.21 -14.26
N LYS B 11 16.06 0.83 -15.11
CA LYS B 11 17.36 1.48 -15.26
C LYS B 11 17.73 2.21 -13.99
N ALA B 12 16.82 2.92 -13.34
CA ALA B 12 17.12 3.62 -12.13
C ALA B 12 17.49 2.68 -10.96
N ASN B 13 16.94 1.46 -11.02
CA ASN B 13 17.26 0.51 -9.98
C ASN B 13 18.69 0.09 -9.90
N GLN B 14 19.47 0.24 -10.99
CA GLN B 14 20.90 -0.18 -10.92
C GLN B 14 21.63 0.68 -9.87
N ALA B 15 21.34 1.99 -9.76
CA ALA B 15 22.05 2.77 -8.77
C ALA B 15 21.66 2.31 -7.36
N TYR B 16 20.40 1.86 -7.21
CA TYR B 16 19.95 1.44 -5.87
C TYR B 16 20.59 0.11 -5.48
N VAL B 17 20.75 -0.80 -6.46
CA VAL B 17 21.50 -2.02 -6.18
C VAL B 17 22.94 -1.69 -5.70
N ASP B 18 23.59 -0.75 -6.39
CA ASP B 18 24.93 -0.41 -5.97
C ASP B 18 24.96 0.15 -4.56
N LEU B 19 24.01 0.99 -4.19
CA LEU B 19 23.96 1.51 -2.84
C LEU B 19 23.58 0.44 -1.80
N HIS B 20 22.60 -0.39 -2.11
CA HIS B 20 22.05 -1.30 -1.12
C HIS B 20 23.08 -2.34 -0.70
N GLY B 21 23.87 -2.79 -1.68
CA GLY B 21 24.78 -3.94 -1.40
C GLY B 21 23.99 -5.18 -1.06
N THR B 22 24.65 -6.13 -0.45
CA THR B 22 24.01 -7.39 -0.07
C THR B 22 23.85 -7.38 1.40
N ALA B 23 22.63 -7.36 1.92
CA ALA B 23 22.37 -7.27 3.36
C ALA B 23 20.94 -7.83 3.60
N HIS B 24 20.80 -8.73 4.53
CA HIS B 24 19.49 -9.33 4.91
C HIS B 24 19.00 -8.68 6.16
N LEU B 25 17.72 -8.40 6.17
CA LEU B 25 17.00 -7.93 7.33
C LEU B 25 15.92 -8.92 7.66
N PRO B 26 15.42 -8.97 8.93
CA PRO B 26 14.32 -9.85 9.31
C PRO B 26 13.03 -9.54 8.61
N LEU B 27 12.16 -10.51 8.41
CA LEU B 27 10.79 -10.30 7.99
C LEU B 27 9.96 -9.47 8.97
N LYS B 28 10.22 -9.68 10.29
CA LYS B 28 9.43 -8.95 11.31
C LYS B 28 9.89 -7.50 11.38
N PRO B 29 9.04 -6.52 11.16
CA PRO B 29 9.45 -5.14 11.20
C PRO B 29 10.08 -4.73 12.54
N LYS B 30 11.15 -3.97 12.46
CA LYS B 30 11.89 -3.62 13.72
C LYS B 30 11.03 -2.85 14.73
N THR B 31 10.18 -1.97 14.27
CA THR B 31 9.34 -1.13 15.15
C THR B 31 8.05 -1.79 15.50
N ARG B 32 7.75 -2.96 14.89
CA ARG B 32 6.52 -3.70 15.20
C ARG B 32 5.28 -2.89 14.80
N VAL B 33 5.44 -1.97 13.84
CA VAL B 33 4.28 -1.15 13.39
C VAL B 33 3.90 -1.47 11.94
N ALA B 34 2.58 -1.41 11.71
CA ALA B 34 2.01 -1.34 10.36
C ALA B 34 1.34 -0.01 10.19
N ILE B 35 1.70 0.66 9.08
CA ILE B 35 1.09 1.95 8.71
C ILE B 35 0.05 1.70 7.65
N VAL B 36 -1.13 2.26 7.77
CA VAL B 36 -2.20 2.19 6.74
C VAL B 36 -2.37 3.54 6.20
N THR B 37 -2.13 3.73 4.91
CA THR B 37 -2.23 5.08 4.35
C THR B 37 -2.65 5.07 2.89
N CYS B 38 -2.68 6.24 2.26
CA CYS B 38 -3.07 6.36 0.87
C CYS B 38 -1.96 6.14 -0.06
N MET B 39 -2.28 5.63 -1.27
CA MET B 39 -1.38 5.47 -2.40
C MET B 39 -0.72 6.73 -2.96
N ASP B 40 -1.19 7.91 -2.53
CA ASP B 40 -0.82 9.19 -3.09
CA ASP B 40 -0.81 9.22 -3.08
C ASP B 40 0.66 9.28 -3.42
N SER B 41 0.97 9.70 -4.66
CA SER B 41 2.36 9.83 -5.13
C SER B 41 3.19 10.85 -4.41
N ARG B 42 2.51 11.74 -3.67
CA ARG B 42 3.25 12.83 -2.97
C ARG B 42 3.51 12.51 -1.54
N LEU B 43 3.34 11.27 -1.14
CA LEU B 43 3.70 10.80 0.19
C LEU B 43 4.71 9.67 0.05
N HIS B 44 5.93 9.95 0.48
CA HIS B 44 6.96 8.98 0.58
C HIS B 44 7.10 8.71 2.11
N VAL B 45 6.56 7.55 2.50
CA VAL B 45 6.30 7.31 3.90
C VAL B 45 7.58 7.20 4.70
N ALA B 46 8.64 6.57 4.15
CA ALA B 46 9.81 6.44 4.94
C ALA B 46 10.45 7.72 5.34
N PRO B 47 10.76 8.68 4.44
CA PRO B 47 11.34 9.94 4.95
C PRO B 47 10.38 10.74 5.81
N ALA B 48 9.08 10.67 5.47
CA ALA B 48 8.13 11.43 6.29
C ALA B 48 8.11 11.03 7.72
N LEU B 49 8.34 9.74 7.99
CA LEU B 49 8.28 9.21 9.38
C LEU B 49 9.67 8.80 9.91
N GLY B 50 10.74 9.06 9.17
CA GLY B 50 12.06 8.69 9.65
C GLY B 50 12.32 7.22 9.63
N LEU B 51 11.71 6.43 8.72
CA LEU B 51 11.91 4.97 8.77
C LEU B 51 13.21 4.56 8.09
N ALA B 52 13.97 3.74 8.81
CA ALA B 52 15.05 3.00 8.17
C ALA B 52 14.50 1.78 7.45
N LEU B 53 15.25 1.23 6.48
CA LEU B 53 14.88 0.03 5.85
C LEU B 53 14.65 -1.06 6.86
N GLY B 54 13.52 -1.79 6.80
CA GLY B 54 13.19 -2.78 7.76
C GLY B 54 12.32 -2.35 8.98
N ASP B 55 12.00 -1.08 9.02
CA ASP B 55 11.35 -0.58 10.27
C ASP B 55 9.84 -0.88 10.40
N ALA B 56 9.06 -0.77 9.33
CA ALA B 56 7.60 -0.83 9.50
C ALA B 56 6.95 -1.39 8.27
N HIS B 57 5.89 -2.16 8.42
CA HIS B 57 5.02 -2.52 7.29
C HIS B 57 4.30 -1.25 6.81
N ILE B 58 4.10 -1.14 5.50
CA ILE B 58 3.42 -0.01 4.91
C ILE B 58 2.31 -0.50 4.00
N LEU B 59 1.07 -0.27 4.36
CA LEU B 59 -0.11 -0.71 3.57
C LEU B 59 -0.64 0.56 2.93
N ARG B 60 -0.98 0.49 1.64
CA ARG B 60 -1.45 1.71 0.94
C ARG B 60 -2.54 1.33 -0.02
N ASN B 61 -3.62 2.12 -0.04
CA ASN B 61 -4.71 1.91 -1.00
C ASN B 61 -5.25 3.30 -1.31
N ALA B 62 -6.34 3.39 -2.08
CA ALA B 62 -6.94 4.72 -2.32
C ALA B 62 -7.63 5.23 -1.08
N GLY B 63 -7.10 6.33 -0.55
CA GLY B 63 -7.65 6.96 0.66
C GLY B 63 -7.09 6.50 1.97
N GLY B 64 -6.38 5.37 2.03
CA GLY B 64 -5.97 4.81 3.30
C GLY B 64 -7.16 4.25 4.07
N ARG B 65 -8.12 3.68 3.36
CA ARG B 65 -9.38 3.23 3.99
C ARG B 65 -9.25 1.81 4.50
N VAL B 66 -9.93 1.47 5.58
CA VAL B 66 -9.97 0.08 6.03
C VAL B 66 -10.95 -0.69 5.21
N THR B 67 -10.48 -1.76 4.61
CA THR B 67 -11.23 -2.66 3.72
C THR B 67 -10.96 -4.09 4.17
N ASP B 68 -11.62 -5.02 3.50
CA ASP B 68 -11.33 -6.45 3.74
C ASP B 68 -9.84 -6.76 3.50
N ASP B 69 -9.24 -6.22 2.45
CA ASP B 69 -7.83 -6.46 2.14
C ASP B 69 -6.92 -5.82 3.19
N VAL B 70 -7.23 -4.65 3.70
CA VAL B 70 -6.42 -4.11 4.78
C VAL B 70 -6.49 -4.98 5.99
N ILE B 71 -7.67 -5.48 6.35
CA ILE B 71 -7.72 -6.40 7.51
C ILE B 71 -7.00 -7.68 7.21
N ARG B 72 -7.17 -8.29 6.01
CA ARG B 72 -6.39 -9.49 5.69
C ARG B 72 -4.90 -9.26 5.93
N SER B 73 -4.45 -8.10 5.43
CA SER B 73 -3.00 -7.78 5.46
C SER B 73 -2.51 -7.47 6.90
N LEU B 74 -3.34 -6.80 7.70
CA LEU B 74 -2.98 -6.54 9.09
C LEU B 74 -3.00 -7.80 9.86
N VAL B 75 -3.89 -8.77 9.62
CA VAL B 75 -3.88 -10.00 10.38
C VAL B 75 -2.56 -10.76 10.04
N ILE B 76 -2.16 -10.77 8.79
CA ILE B 76 -0.85 -11.36 8.44
C ILE B 76 0.26 -10.60 9.13
N SER B 77 0.28 -9.27 9.05
CA SER B 77 1.34 -8.48 9.69
C SER B 77 1.43 -8.77 11.17
N GLU B 78 0.30 -8.89 11.87
CA GLU B 78 0.28 -9.03 13.32
C GLU B 78 0.43 -10.48 13.72
N GLN B 79 -0.36 -11.41 13.22
CA GLN B 79 -0.39 -12.76 13.72
C GLN B 79 0.69 -13.58 13.08
N GLN B 80 1.15 -13.33 11.87
CA GLN B 80 2.26 -14.06 11.30
C GLN B 80 3.53 -13.37 11.43
N LEU B 81 3.60 -12.04 11.36
CA LEU B 81 4.90 -11.32 11.25
C LEU B 81 5.15 -10.44 12.38
N GLY B 82 4.37 -10.44 13.43
CA GLY B 82 4.76 -9.86 14.74
C GLY B 82 4.50 -8.42 14.94
N THR B 83 3.78 -7.70 14.11
CA THR B 83 3.50 -6.31 14.51
C THR B 83 2.46 -6.20 15.59
N SER B 84 2.46 -5.11 16.34
CA SER B 84 1.53 -4.94 17.45
C SER B 84 1.02 -3.55 17.57
N GLU B 85 1.24 -2.72 16.55
CA GLU B 85 0.83 -1.31 16.52
C GLU B 85 0.39 -0.96 15.12
N ILE B 86 -0.62 -0.12 15.02
CA ILE B 86 -1.13 0.38 13.73
C ILE B 86 -1.16 1.89 13.74
N VAL B 87 -0.78 2.52 12.64
CA VAL B 87 -1.00 3.94 12.44
C VAL B 87 -1.87 4.15 11.27
N VAL B 88 -3.02 4.76 11.37
CA VAL B 88 -3.90 5.10 10.23
C VAL B 88 -3.57 6.52 9.81
N LEU B 89 -3.09 6.72 8.62
CA LEU B 89 -2.54 8.04 8.16
C LEU B 89 -3.30 8.42 6.94
N HIS B 90 -4.19 9.43 7.04
CA HIS B 90 -4.81 10.03 5.85
C HIS B 90 -4.05 11.29 5.47
N HIS B 91 -4.49 12.04 4.45
CA HIS B 91 -3.71 13.21 4.06
C HIS B 91 -4.56 14.25 3.41
N THR B 92 -4.05 15.46 3.30
CA THR B 92 -4.76 16.59 2.69
C THR B 92 -4.69 16.44 1.16
N ASP B 93 -5.68 17.05 0.53
CA ASP B 93 -5.83 16.97 -0.91
C ASP B 93 -5.85 15.52 -1.41
N CYS B 94 -6.67 14.70 -0.79
CA CYS B 94 -6.80 13.29 -1.22
C CYS B 94 -7.79 13.12 -2.31
N GLY B 95 -7.51 12.25 -3.23
CA GLY B 95 -8.49 11.93 -4.26
C GLY B 95 -9.83 11.44 -3.74
N ALA B 96 -9.88 10.85 -2.53
CA ALA B 96 -11.13 10.42 -1.99
C ALA B 96 -12.05 11.56 -1.64
N GLN B 97 -11.57 12.79 -1.57
CA GLN B 97 -12.38 14.02 -1.37
C GLN B 97 -12.98 14.55 -2.63
N THR B 98 -12.59 14.03 -3.81
CA THR B 98 -12.94 14.68 -5.10
C THR B 98 -14.13 14.08 -5.79
N PHE B 99 -14.85 13.14 -5.20
CA PHE B 99 -16.04 12.56 -5.80
C PHE B 99 -16.91 11.98 -4.75
N THR B 100 -18.19 11.88 -4.97
CA THR B 100 -19.10 10.99 -4.21
C THR B 100 -19.25 9.71 -4.96
N ASN B 101 -19.76 8.66 -4.33
CA ASN B 101 -19.96 7.43 -5.09
C ASN B 101 -20.89 7.65 -6.32
N ALA B 102 -21.93 8.42 -6.17
CA ALA B 102 -22.81 8.64 -7.35
C ALA B 102 -22.07 9.40 -8.43
N GLU B 103 -21.31 10.42 -8.14
CA GLU B 103 -20.55 11.16 -9.13
C GLU B 103 -19.52 10.25 -9.83
N PHE B 104 -18.84 9.40 -9.12
CA PHE B 104 -17.83 8.57 -9.74
C PHE B 104 -18.49 7.47 -10.53
N THR B 105 -19.63 6.98 -10.15
CA THR B 105 -20.40 6.02 -10.95
C THR B 105 -20.72 6.66 -12.29
N GLU B 106 -21.16 7.90 -12.31
CA GLU B 106 -21.45 8.56 -13.61
C GLU B 106 -20.20 8.72 -14.41
N GLN B 107 -19.08 9.06 -13.79
CA GLN B 107 -17.79 9.20 -14.52
C GLN B 107 -17.41 7.87 -15.11
N LEU B 108 -17.57 6.76 -14.43
CA LEU B 108 -17.13 5.46 -14.94
C LEU B 108 -18.01 5.00 -16.12
N LYS B 109 -19.27 5.44 -16.18
CA LYS B 109 -20.05 5.18 -17.39
C LYS B 109 -19.43 5.87 -18.55
N ARG B 110 -18.92 7.09 -18.35
CA ARG B 110 -18.26 7.82 -19.47
C ARG B 110 -16.89 7.27 -19.79
N ASP B 111 -16.14 6.82 -18.81
CA ASP B 111 -14.76 6.52 -18.97
C ASP B 111 -14.57 5.06 -19.44
N LEU B 112 -15.47 4.15 -18.99
CA LEU B 112 -15.31 2.73 -19.24
C LEU B 112 -16.53 2.10 -19.86
N ALA B 113 -17.69 2.77 -19.90
CA ALA B 113 -18.96 2.14 -20.25
C ALA B 113 -19.19 0.88 -19.43
N VAL B 114 -18.93 0.98 -18.16
CA VAL B 114 -19.27 -0.05 -17.13
C VAL B 114 -20.10 0.66 -16.09
N ASP B 115 -21.12 -0.05 -15.56
CA ASP B 115 -22.01 0.47 -14.49
C ASP B 115 -21.48 -0.05 -13.15
N ALA B 116 -20.86 0.82 -12.34
CA ALA B 116 -20.32 0.43 -11.04
C ALA B 116 -21.16 1.01 -9.90
N GLY B 117 -22.48 1.15 -10.12
CA GLY B 117 -23.39 1.81 -9.16
C GLY B 117 -23.56 0.98 -7.91
N ASP B 118 -23.11 -0.27 -7.94
CA ASP B 118 -23.22 -1.14 -6.72
C ASP B 118 -21.97 -1.17 -5.85
N GLN B 119 -20.91 -0.51 -6.28
CA GLN B 119 -19.62 -0.65 -5.64
C GLN B 119 -19.35 0.58 -4.81
N ASP B 120 -18.71 0.40 -3.66
CA ASP B 120 -18.46 1.52 -2.76
C ASP B 120 -16.99 1.85 -2.89
N PHE B 121 -16.72 3.01 -3.46
CA PHE B 121 -15.35 3.50 -3.72
C PHE B 121 -14.77 4.15 -2.47
N LEU B 122 -15.54 4.26 -1.38
CA LEU B 122 -15.01 4.71 -0.06
C LEU B 122 -14.52 6.14 -0.05
N PRO B 123 -15.22 7.09 -0.65
CA PRO B 123 -14.79 8.46 -0.57
C PRO B 123 -14.98 9.03 0.82
N PHE B 124 -14.47 10.24 1.08
CA PHE B 124 -14.76 10.94 2.35
C PHE B 124 -14.77 12.37 2.11
N THR B 125 -15.25 13.15 3.08
CA THR B 125 -15.19 14.65 3.03
C THR B 125 -14.29 15.15 4.14
N ASP B 126 -14.72 14.99 5.36
CA ASP B 126 -13.94 15.49 6.48
C ASP B 126 -12.79 14.50 6.77
N ILE B 127 -11.56 15.02 6.76
CA ILE B 127 -10.43 14.09 6.83
C ILE B 127 -10.31 13.57 8.24
N GLU B 128 -10.43 14.37 9.29
CA GLU B 128 -10.34 13.76 10.63
C GLU B 128 -11.45 12.72 10.84
N GLU B 129 -12.71 12.97 10.41
CA GLU B 129 -13.73 11.97 10.57
C GLU B 129 -13.40 10.68 9.81
N SER B 130 -12.72 10.81 8.66
CA SER B 130 -12.39 9.62 7.91
C SER B 130 -11.35 8.80 8.65
N VAL B 131 -10.40 9.41 9.37
CA VAL B 131 -9.47 8.65 10.24
C VAL B 131 -10.21 7.98 11.36
N ARG B 132 -11.10 8.71 12.03
CA ARG B 132 -11.84 8.09 13.13
C ARG B 132 -12.74 6.98 12.68
N GLU B 133 -13.32 7.06 11.51
CA GLU B 133 -14.14 5.96 11.00
C GLU B 133 -13.30 4.74 10.75
N ASP B 134 -12.11 4.91 10.17
CA ASP B 134 -11.25 3.78 9.91
C ASP B 134 -10.70 3.14 11.19
N ILE B 135 -10.35 3.94 12.18
CA ILE B 135 -9.91 3.38 13.46
C ILE B 135 -11.10 2.58 14.07
N ALA B 136 -12.33 3.10 14.02
CA ALA B 136 -13.48 2.33 14.64
C ALA B 136 -13.66 1.02 13.88
N LEU B 137 -13.43 0.94 12.58
CA LEU B 137 -13.57 -0.34 11.84
C LEU B 137 -12.54 -1.31 12.32
N LEU B 138 -11.32 -0.88 12.62
CA LEU B 138 -10.28 -1.75 13.20
C LEU B 138 -10.67 -2.21 14.59
N LYS B 139 -11.11 -1.27 15.42
CA LYS B 139 -11.48 -1.62 16.83
C LYS B 139 -12.66 -2.55 16.80
N ASN B 140 -13.54 -2.51 15.86
CA ASN B 140 -14.69 -3.43 15.89
C ASN B 140 -14.42 -4.74 15.24
N SER B 141 -13.30 -4.95 14.53
CA SER B 141 -12.95 -6.21 13.95
C SER B 141 -12.40 -7.21 14.96
N PRO B 142 -13.01 -8.40 15.10
CA PRO B 142 -12.49 -9.45 15.98
C PRO B 142 -11.18 -10.03 15.49
N LEU B 143 -10.78 -9.64 14.27
CA LEU B 143 -9.51 -10.10 13.73
C LEU B 143 -8.32 -9.22 14.19
N ILE B 144 -8.61 -8.10 14.82
CA ILE B 144 -7.56 -7.15 15.28
C ILE B 144 -7.71 -7.21 16.85
N PRO B 145 -6.79 -7.81 17.56
CA PRO B 145 -6.97 -8.01 19.03
C PRO B 145 -7.13 -6.64 19.67
N GLU B 146 -7.85 -6.62 20.78
CA GLU B 146 -8.08 -5.40 21.50
C GLU B 146 -6.79 -4.76 22.04
N ASP B 147 -5.78 -5.55 22.23
CA ASP B 147 -4.46 -5.08 22.81
C ASP B 147 -3.60 -4.39 21.73
N ILE B 148 -3.92 -4.48 20.43
CA ILE B 148 -3.13 -3.73 19.40
C ILE B 148 -3.27 -2.21 19.63
N ILE B 149 -2.13 -1.52 19.54
CA ILE B 149 -2.03 -0.05 19.79
C ILE B 149 -2.43 0.61 18.46
N ILE B 150 -3.41 1.49 18.43
CA ILE B 150 -3.87 2.16 17.20
C ILE B 150 -3.87 3.66 17.39
N SER B 151 -3.22 4.35 16.48
CA SER B 151 -3.23 5.86 16.42
C SER B 151 -3.62 6.33 15.09
N GLY B 152 -4.11 7.55 15.00
CA GLY B 152 -4.54 8.15 13.73
C GLY B 152 -3.77 9.45 13.50
N ALA B 153 -3.63 9.82 12.23
CA ALA B 153 -2.84 11.02 11.86
C ALA B 153 -3.20 11.48 10.48
N ILE B 154 -2.80 12.71 10.16
CA ILE B 154 -2.99 13.36 8.84
C ILE B 154 -1.69 13.91 8.37
N TYR B 155 -1.29 13.63 7.16
CA TYR B 155 -0.15 14.20 6.46
C TYR B 155 -0.54 15.34 5.56
N ASP B 156 0.13 16.49 5.69
CA ASP B 156 -0.18 17.63 4.85
C ASP B 156 0.74 17.55 3.65
N VAL B 157 0.20 17.33 2.47
CA VAL B 157 1.04 17.08 1.28
C VAL B 157 1.84 18.31 0.87
N ASP B 158 1.44 19.51 1.31
CA ASP B 158 2.20 20.74 0.91
C ASP B 158 3.27 21.06 1.88
N THR B 159 3.21 20.60 3.11
CA THR B 159 4.27 20.96 4.09
C THR B 159 5.12 19.79 4.56
N GLY B 160 4.66 18.56 4.34
CA GLY B 160 5.35 17.40 4.88
C GLY B 160 4.97 17.03 6.29
N ARG B 161 4.10 17.83 6.95
CA ARG B 161 3.82 17.61 8.35
C ARG B 161 2.84 16.48 8.63
N VAL B 162 3.11 15.65 9.63
CA VAL B 162 2.16 14.68 10.16
C VAL B 162 1.68 15.15 11.49
N ARG B 163 0.34 15.17 11.69
CA ARG B 163 -0.25 15.54 12.99
C ARG B 163 -1.19 14.49 13.43
N GLU B 164 -1.27 14.29 14.74
CA GLU B 164 -2.12 13.26 15.33
C GLU B 164 -3.59 13.63 15.30
N VAL B 165 -4.46 12.68 15.03
CA VAL B 165 -5.92 12.86 15.13
C VAL B 165 -6.43 11.95 16.26
N ASN B 166 -7.30 12.51 17.11
CA ASN B 166 -7.85 11.88 18.32
C ASN B 166 -9.33 11.58 18.03
#